data_8QWA
#
_entry.id   8QWA
#
_cell.length_a   68.897
_cell.length_b   61.124
_cell.length_c   119.254
_cell.angle_alpha   90.000
_cell.angle_beta   98.905
_cell.angle_gamma   90.000
#
_symmetry.space_group_name_H-M   'I 1 2 1'
#
loop_
_entity.id
_entity.type
_entity.pdbx_description
1 polymer 'Adenylosuccinate synthetase'
2 non-polymer 'INOSINIC ACID'
3 non-polymer "PYRIDOXAL-5'-PHOSPHATE"
4 non-polymer 'SULFATE ION'
5 non-polymer GLYCEROL
6 water water
#
_entity_poly.entity_id   1
_entity_poly.type   'polypeptide(L)'
_entity_poly.pdbx_seq_one_letter_code
;MADVVVGIQWGDEGKGKIVDRIAKDYDFVVRYQGGHNAGHTIVHKGVKHSLHLMPSGVLYPKCKNIISSAVVVSVKDLCE
EISAFEDLENRLFVSDRAHVILPYHAKKDAFKEKSQNIGTTKKGIGPCYEDKMARSGIRMGDLLDDKILEEKLNAHFKAI
EPFKKAYDLGENYEKDLMGYFKTYAPKICPFIKDTTSMLIEANQKGEKILLEGAQGTLLDIDLGTYPFVTSSNTTSASAC
VSTGLNPKAINEVIGITKAYSTRVGNGPFPSEDTTPMGDHLRTKGAEFGTTTKRPRRCGWLDLVALKYACALNGCTQLAL
MKLDVLDGIDAIKVCVAYERKGERLEIFPSDLKDCVPIYQTFKGWEKSVGVRKLDDLEPNVREYIRFIEKEVGVKIRLIS
TSPEREDTIFL
;
_entity_poly.pdbx_strand_id   A
#
loop_
_chem_comp.id
_chem_comp.type
_chem_comp.name
_chem_comp.formula
GOL non-polymer GLYCEROL 'C3 H8 O3'
IMP non-polymer 'INOSINIC ACID' 'C10 H13 N4 O8 P'
PLP non-polymer PYRIDOXAL-5'-PHOSPHATE 'C8 H10 N O6 P'
SO4 non-polymer 'SULFATE ION' 'O4 S -2'
#
# COMPACT_ATOMS: atom_id res chain seq x y z
N MET A 1 -6.94 0.01 18.92
CA MET A 1 -5.92 0.97 19.48
C MET A 1 -5.74 2.05 18.43
N ALA A 2 -6.16 1.72 17.25
CA ALA A 2 -5.45 2.28 16.17
C ALA A 2 -3.98 1.96 16.49
N ASP A 3 -3.71 0.78 15.96
CA ASP A 3 -2.39 0.46 15.48
C ASP A 3 -2.37 0.64 13.97
N VAL A 4 -1.17 0.81 13.41
CA VAL A 4 -0.99 1.03 11.98
C VAL A 4 0.05 0.05 11.43
N VAL A 5 -0.25 -0.52 10.26
CA VAL A 5 0.67 -1.25 9.46
C VAL A 5 0.96 -0.38 8.24
N VAL A 6 2.24 -0.05 8.06
CA VAL A 6 2.69 0.78 6.95
C VAL A 6 3.84 0.13 6.21
N GLY A 7 3.84 0.28 4.88
CA GLY A 7 4.96 -0.13 4.06
C GLY A 7 6.06 0.93 4.16
N ILE A 8 7.26 0.54 4.58
CA ILE A 8 8.25 1.59 4.78
C ILE A 8 9.21 1.71 3.59
N GLN A 9 8.95 1.06 2.46
CA GLN A 9 9.78 1.21 1.25
C GLN A 9 8.91 1.82 0.15
N TRP A 10 8.87 1.21 -1.04
CA TRP A 10 8.06 1.64 -2.17
C TRP A 10 6.99 0.62 -2.52
N GLY A 11 6.29 0.12 -1.51
CA GLY A 11 5.23 -0.84 -1.73
C GLY A 11 5.76 -2.27 -1.85
N ASP A 12 4.83 -3.23 -1.90
CA ASP A 12 5.16 -4.63 -2.11
C ASP A 12 6.01 -5.19 -0.97
N GLU A 13 5.86 -4.64 0.23
CA GLU A 13 6.73 -5.04 1.35
C GLU A 13 6.20 -6.29 2.04
N GLY A 14 4.90 -6.58 1.85
CA GLY A 14 4.23 -7.69 2.50
C GLY A 14 3.20 -7.26 3.55
N LYS A 15 2.53 -6.13 3.31
CA LYS A 15 1.56 -5.57 4.21
C LYS A 15 0.32 -6.45 4.36
N GLY A 16 -0.16 -6.95 3.23
CA GLY A 16 -1.36 -7.79 3.23
C GLY A 16 -1.18 -9.02 4.14
N LYS A 17 -0.01 -9.63 4.05
CA LYS A 17 0.29 -10.78 4.86
C LYS A 17 0.26 -10.41 6.32
N ILE A 18 1.00 -9.34 6.71
CA ILE A 18 1.01 -8.99 8.12
C ILE A 18 -0.38 -8.62 8.64
N VAL A 19 -1.17 -7.84 7.88
CA VAL A 19 -2.49 -7.48 8.38
C VAL A 19 -3.33 -8.74 8.61
N ASP A 20 -3.33 -9.64 7.63
CA ASP A 20 -4.10 -10.88 7.70
C ASP A 20 -3.66 -11.68 8.92
N ARG A 21 -2.35 -11.70 9.18
CA ARG A 21 -1.83 -12.49 10.28
C ARG A 21 -2.31 -11.95 11.64
N ILE A 22 -2.41 -10.61 11.82
CA ILE A 22 -2.74 -10.06 13.11
C ILE A 22 -4.20 -9.66 13.23
N ALA A 23 -4.95 -9.65 12.13
CA ALA A 23 -6.29 -9.06 12.09
C ALA A 23 -7.25 -9.68 13.10
N LYS A 24 -7.05 -10.96 13.43
CA LYS A 24 -7.93 -11.69 14.35
C LYS A 24 -8.01 -10.99 15.69
N ASP A 25 -6.98 -10.21 16.03
CA ASP A 25 -6.92 -9.54 17.31
C ASP A 25 -7.61 -8.17 17.27
N TYR A 26 -8.22 -7.74 16.14
CA TYR A 26 -8.84 -6.42 16.06
C TYR A 26 -10.32 -6.51 15.73
N ASP A 27 -11.06 -5.44 16.10
CA ASP A 27 -12.48 -5.27 15.80
C ASP A 27 -12.73 -4.64 14.43
N PHE A 28 -11.76 -3.84 13.96
CA PHE A 28 -11.83 -3.08 12.71
C PHE A 28 -10.48 -3.18 12.01
N VAL A 29 -10.53 -3.37 10.69
CA VAL A 29 -9.37 -3.30 9.80
C VAL A 29 -9.73 -2.29 8.71
N VAL A 30 -8.88 -1.24 8.60
CA VAL A 30 -9.22 -0.06 7.82
C VAL A 30 -8.21 0.22 6.73
N ARG A 31 -8.63 0.14 5.45
CA ARG A 31 -7.88 0.69 4.34
C ARG A 31 -8.12 2.18 4.30
N TYR A 32 -7.03 2.98 4.44
CA TYR A 32 -7.26 4.40 4.65
C TYR A 32 -6.84 5.26 3.44
N GLN A 33 -6.09 4.77 2.46
CA GLN A 33 -5.75 5.63 1.33
C GLN A 33 -5.49 4.75 0.12
N GLY A 34 -5.30 5.41 -1.04
CA GLY A 34 -5.04 4.73 -2.29
C GLY A 34 -6.33 4.11 -2.83
N GLY A 35 -6.15 3.15 -3.76
CA GLY A 35 -7.25 2.46 -4.40
C GLY A 35 -6.86 1.02 -4.72
N HIS A 36 -7.22 0.58 -5.94
CA HIS A 36 -6.98 -0.78 -6.43
C HIS A 36 -5.66 -0.80 -7.20
N ASN A 37 -4.85 0.26 -7.06
CA ASN A 37 -3.45 0.24 -7.39
C ASN A 37 -2.74 -0.75 -6.46
N ALA A 38 -3.23 -0.88 -5.22
CA ALA A 38 -2.73 -1.87 -4.27
C ALA A 38 -3.02 -3.30 -4.75
N GLY A 39 -2.21 -4.27 -4.26
CA GLY A 39 -2.40 -5.71 -4.49
C GLY A 39 -2.06 -6.56 -3.25
N HIS A 40 -2.62 -6.24 -2.05
CA HIS A 40 -2.26 -6.89 -0.79
C HIS A 40 -2.57 -8.37 -0.86
N THR A 41 -1.55 -9.19 -0.63
CA THR A 41 -1.69 -10.61 -0.97
C THR A 41 -1.54 -11.48 0.27
N ILE A 42 -2.52 -12.41 0.36
CA ILE A 42 -2.62 -13.32 1.49
C ILE A 42 -2.55 -14.74 0.94
N VAL A 43 -1.75 -15.56 1.59
CA VAL A 43 -1.70 -16.98 1.27
C VAL A 43 -1.92 -17.74 2.57
N HIS A 44 -2.85 -18.71 2.54
CA HIS A 44 -3.05 -19.51 3.72
C HIS A 44 -3.51 -20.91 3.32
N LYS A 45 -2.74 -21.89 3.76
CA LYS A 45 -3.03 -23.30 3.42
C LYS A 45 -3.11 -23.49 1.92
N GLY A 46 -2.17 -22.87 1.20
CA GLY A 46 -2.07 -23.01 -0.24
C GLY A 46 -3.16 -22.31 -1.05
N VAL A 47 -3.96 -21.46 -0.44
CA VAL A 47 -4.92 -20.66 -1.17
C VAL A 47 -4.42 -19.22 -1.16
N LYS A 48 -4.32 -18.60 -2.34
CA LYS A 48 -3.88 -17.22 -2.49
C LYS A 48 -5.10 -16.32 -2.64
N HIS A 49 -5.18 -15.26 -1.85
CA HIS A 49 -6.22 -14.25 -2.02
C HIS A 49 -5.58 -12.95 -2.48
N SER A 50 -5.91 -12.52 -3.70
CA SER A 50 -5.39 -11.28 -4.25
C SER A 50 -6.38 -10.15 -4.02
N LEU A 51 -6.08 -9.28 -3.06
CA LEU A 51 -6.94 -8.17 -2.74
C LEU A 51 -6.42 -6.93 -3.47
N HIS A 52 -7.31 -5.96 -3.66
CA HIS A 52 -6.95 -4.73 -4.36
C HIS A 52 -7.38 -3.58 -3.45
N LEU A 53 -8.70 -3.43 -3.25
CA LEU A 53 -9.20 -2.42 -2.32
C LEU A 53 -9.82 -3.09 -1.09
N MET A 54 -10.31 -4.34 -1.23
CA MET A 54 -10.80 -5.07 -0.07
C MET A 54 -9.75 -5.07 1.07
N PRO A 55 -10.09 -4.63 2.29
CA PRO A 55 -9.15 -4.71 3.40
C PRO A 55 -8.82 -6.16 3.77
N SER A 56 -7.65 -6.29 4.39
CA SER A 56 -7.01 -7.57 4.61
C SER A 56 -7.43 -8.21 5.92
N GLY A 57 -8.56 -7.78 6.48
CA GLY A 57 -9.21 -8.48 7.57
C GLY A 57 -10.33 -9.40 7.05
N VAL A 58 -10.50 -9.48 5.73
CA VAL A 58 -11.69 -10.11 5.16
C VAL A 58 -11.78 -11.62 5.50
N LEU A 59 -10.68 -12.29 5.83
CA LEU A 59 -10.72 -13.73 6.09
C LEU A 59 -11.12 -14.02 7.54
N TYR A 60 -11.43 -12.98 8.33
CA TYR A 60 -11.86 -13.15 9.70
C TYR A 60 -13.24 -12.54 9.81
N PRO A 61 -14.32 -13.35 9.69
CA PRO A 61 -15.66 -12.76 9.64
C PRO A 61 -16.09 -11.89 10.83
N LYS A 62 -15.43 -12.00 11.98
CA LYS A 62 -15.73 -11.17 13.14
C LYS A 62 -15.11 -9.77 13.01
N CYS A 63 -14.18 -9.62 12.08
CA CYS A 63 -13.58 -8.32 11.83
CA CYS A 63 -13.56 -8.32 11.80
C CYS A 63 -14.53 -7.44 11.01
N LYS A 64 -14.57 -6.13 11.31
CA LYS A 64 -15.31 -5.21 10.46
C LYS A 64 -14.28 -4.47 9.59
N ASN A 65 -14.38 -4.66 8.28
CA ASN A 65 -13.49 -4.08 7.30
C ASN A 65 -14.03 -2.73 6.85
N ILE A 66 -13.17 -1.70 6.88
CA ILE A 66 -13.57 -0.35 6.58
C ILE A 66 -12.72 0.18 5.43
N ILE A 67 -13.40 0.70 4.41
CA ILE A 67 -12.74 1.46 3.38
C ILE A 67 -13.01 2.95 3.68
N SER A 68 -11.95 3.65 4.08
CA SER A 68 -12.14 4.97 4.66
C SER A 68 -12.18 6.10 3.61
N SER A 69 -12.22 7.35 4.11
CA SER A 69 -12.62 8.49 3.29
C SER A 69 -11.57 8.97 2.29
N ALA A 70 -10.27 8.74 2.58
CA ALA A 70 -9.21 9.19 1.68
C ALA A 70 -8.92 8.21 0.54
N VAL A 71 -9.63 7.08 0.46
CA VAL A 71 -9.51 6.13 -0.63
C VAL A 71 -10.21 6.65 -1.91
N VAL A 72 -9.77 6.13 -3.04
CA VAL A 72 -10.45 6.32 -4.32
C VAL A 72 -10.97 4.95 -4.78
N VAL A 73 -12.26 4.89 -5.14
CA VAL A 73 -13.00 3.65 -5.31
C VAL A 73 -13.39 3.48 -6.81
N SER A 74 -12.85 2.47 -7.46
CA SER A 74 -13.43 1.91 -8.67
C SER A 74 -14.54 0.95 -8.26
N VAL A 75 -15.80 1.38 -8.47
CA VAL A 75 -16.94 0.69 -7.91
C VAL A 75 -17.09 -0.71 -8.52
N LYS A 76 -16.92 -0.78 -9.84
CA LYS A 76 -17.05 -2.06 -10.54
C LYS A 76 -16.06 -3.07 -9.97
N ASP A 77 -14.82 -2.61 -9.83
CA ASP A 77 -13.75 -3.45 -9.32
C ASP A 77 -14.04 -3.87 -7.88
N LEU A 78 -14.50 -2.97 -7.01
CA LEU A 78 -14.79 -3.35 -5.64
C LEU A 78 -15.95 -4.37 -5.62
N CYS A 79 -16.96 -4.15 -6.48
CA CYS A 79 -18.08 -5.07 -6.55
C CYS A 79 -17.58 -6.48 -6.92
N GLU A 80 -16.63 -6.56 -7.86
CA GLU A 80 -16.05 -7.83 -8.25
C GLU A 80 -15.33 -8.50 -7.07
N GLU A 81 -14.66 -7.71 -6.20
CA GLU A 81 -14.05 -8.32 -5.02
C GLU A 81 -15.10 -8.82 -4.03
N ILE A 82 -16.18 -8.05 -3.85
CA ILE A 82 -17.23 -8.38 -2.89
C ILE A 82 -17.82 -9.75 -3.24
N SER A 83 -17.94 -10.01 -4.53
CA SER A 83 -18.62 -11.20 -5.01
C SER A 83 -17.80 -12.45 -4.73
N ALA A 84 -16.52 -12.33 -4.36
CA ALA A 84 -15.68 -13.49 -4.06
C ALA A 84 -15.88 -13.97 -2.62
N PHE A 85 -16.61 -13.26 -1.77
CA PHE A 85 -16.73 -13.64 -0.37
C PHE A 85 -18.19 -13.79 0.00
N GLU A 86 -18.45 -14.62 1.02
CA GLU A 86 -19.79 -14.82 1.55
C GLU A 86 -20.08 -13.86 2.71
N ASP A 87 -21.31 -13.31 2.69
CA ASP A 87 -21.89 -12.54 3.79
C ASP A 87 -20.99 -11.39 4.25
N LEU A 88 -20.71 -10.47 3.31
CA LEU A 88 -19.93 -9.26 3.63
C LEU A 88 -20.79 -8.16 4.21
N GLU A 89 -22.11 -8.29 4.07
CA GLU A 89 -23.02 -7.33 4.65
C GLU A 89 -22.74 -7.39 6.14
N ASN A 90 -22.61 -6.23 6.76
CA ASN A 90 -22.31 -6.13 8.18
C ASN A 90 -20.83 -6.37 8.54
N ARG A 91 -19.94 -6.65 7.59
CA ARG A 91 -18.52 -6.72 7.92
C ARG A 91 -17.64 -6.02 6.89
N LEU A 92 -18.24 -5.26 5.98
CA LEU A 92 -17.55 -4.34 5.08
C LEU A 92 -18.40 -3.07 4.99
N PHE A 93 -17.73 -1.93 5.17
CA PHE A 93 -18.34 -0.62 5.16
C PHE A 93 -17.47 0.33 4.36
N VAL A 94 -18.08 1.08 3.46
CA VAL A 94 -17.37 1.94 2.53
C VAL A 94 -17.77 3.37 2.86
N SER A 95 -16.75 4.22 3.10
CA SER A 95 -17.03 5.59 3.45
C SER A 95 -17.87 6.29 2.39
N ASP A 96 -18.90 6.96 2.88
CA ASP A 96 -19.69 7.88 2.09
C ASP A 96 -18.92 9.09 1.55
N ARG A 97 -17.73 9.33 2.09
CA ARG A 97 -16.89 10.42 1.65
C ARG A 97 -15.74 9.98 0.76
N ALA A 98 -15.59 8.66 0.53
CA ALA A 98 -14.61 8.20 -0.44
C ALA A 98 -14.95 8.66 -1.85
N HIS A 99 -13.93 9.03 -2.61
CA HIS A 99 -14.09 9.50 -3.99
C HIS A 99 -14.17 8.35 -5.00
N VAL A 100 -14.87 8.65 -6.10
CA VAL A 100 -15.22 7.66 -7.10
C VAL A 100 -14.38 7.83 -8.36
N ILE A 101 -13.73 6.72 -8.78
CA ILE A 101 -12.95 6.66 -10.01
C ILE A 101 -13.89 6.42 -11.19
N LEU A 102 -13.81 7.33 -12.16
CA LEU A 102 -14.58 7.26 -13.38
C LEU A 102 -13.67 6.79 -14.50
N PRO A 103 -14.19 6.30 -15.65
CA PRO A 103 -13.32 5.92 -16.76
C PRO A 103 -12.44 6.99 -17.39
N TYR A 104 -12.90 8.24 -17.44
CA TYR A 104 -12.08 9.38 -17.83
C TYR A 104 -10.74 9.37 -17.07
N HIS A 105 -10.78 9.04 -15.77
CA HIS A 105 -9.58 9.10 -14.92
C HIS A 105 -8.54 8.14 -15.45
N ALA A 106 -8.89 6.89 -15.76
CA ALA A 106 -7.88 5.97 -16.26
C ALA A 106 -7.35 6.44 -17.60
N LYS A 107 -8.23 6.93 -18.45
CA LYS A 107 -7.80 7.39 -19.77
C LYS A 107 -6.86 8.58 -19.66
N LYS A 108 -7.19 9.50 -18.76
CA LYS A 108 -6.38 10.67 -18.52
C LYS A 108 -5.00 10.27 -18.02
N ASP A 109 -4.97 9.22 -17.20
CA ASP A 109 -3.74 8.74 -16.57
C ASP A 109 -2.81 8.23 -17.68
N ALA A 110 -3.37 7.37 -18.56
CA ALA A 110 -2.63 6.87 -19.72
C ALA A 110 -2.17 8.02 -20.63
N PHE A 111 -3.02 9.02 -20.88
CA PHE A 111 -2.68 10.16 -21.72
C PHE A 111 -1.49 10.91 -21.12
N LYS A 112 -1.61 11.30 -19.86
CA LYS A 112 -0.55 12.08 -19.23
C LYS A 112 0.74 11.26 -19.16
N GLU A 113 0.62 9.94 -19.03
CA GLU A 113 1.79 9.08 -18.88
C GLU A 113 2.68 9.09 -20.14
N LYS A 114 2.09 9.42 -21.31
CA LYS A 114 2.87 9.54 -22.53
C LYS A 114 3.93 10.62 -22.41
N SER A 115 3.68 11.72 -21.68
CA SER A 115 4.69 12.74 -21.47
C SER A 115 5.44 12.59 -20.13
N GLN A 116 4.77 12.15 -19.06
CA GLN A 116 5.38 12.23 -17.75
C GLN A 116 6.18 10.95 -17.44
N ASN A 117 5.69 9.81 -17.93
CA ASN A 117 6.38 8.54 -17.82
C ASN A 117 6.77 8.28 -16.35
N ILE A 118 5.79 8.39 -15.45
CA ILE A 118 6.06 8.08 -14.05
C ILE A 118 6.16 6.57 -13.85
N GLY A 119 5.32 5.81 -14.57
CA GLY A 119 5.14 4.39 -14.33
C GLY A 119 3.96 4.13 -13.40
N THR A 120 2.86 4.88 -13.60
CA THR A 120 1.68 4.69 -12.79
C THR A 120 1.08 3.32 -13.05
N THR A 121 0.11 2.95 -12.21
CA THR A 121 -0.63 1.73 -12.45
C THR A 121 -1.67 1.88 -13.57
N LYS A 122 -1.80 3.07 -14.17
CA LYS A 122 -2.79 3.37 -15.20
C LYS A 122 -4.22 3.02 -14.77
N LYS A 123 -4.54 3.23 -13.47
CA LYS A 123 -5.86 2.89 -12.96
C LYS A 123 -6.70 4.13 -12.67
N GLY A 124 -6.15 5.30 -13.01
CA GLY A 124 -6.81 6.58 -12.82
C GLY A 124 -6.76 7.09 -11.37
N ILE A 125 -5.81 6.58 -10.58
CA ILE A 125 -5.70 6.99 -9.18
C ILE A 125 -5.46 8.51 -9.09
N GLY A 126 -4.39 8.96 -9.75
CA GLY A 126 -3.99 10.34 -9.71
C GLY A 126 -5.11 11.26 -10.16
N PRO A 127 -5.71 11.02 -11.34
CA PRO A 127 -6.75 11.94 -11.80
C PRO A 127 -7.99 11.98 -10.92
N CYS A 128 -8.28 10.88 -10.20
CA CYS A 128 -9.36 10.88 -9.21
C CYS A 128 -9.05 11.82 -8.06
N TYR A 129 -7.81 11.73 -7.55
CA TYR A 129 -7.35 12.67 -6.53
C TYR A 129 -7.36 14.10 -7.07
N GLU A 130 -6.99 14.32 -8.34
CA GLU A 130 -7.05 15.67 -8.90
C GLU A 130 -8.46 16.25 -8.78
N ASP A 131 -9.47 15.46 -9.17
CA ASP A 131 -10.85 15.93 -9.13
C ASP A 131 -11.32 16.16 -7.69
N LYS A 132 -10.78 15.36 -6.77
CA LYS A 132 -11.02 15.64 -5.36
C LYS A 132 -10.45 17.01 -4.98
N MET A 133 -9.23 17.36 -5.39
CA MET A 133 -8.68 18.66 -5.06
C MET A 133 -9.49 19.78 -5.73
N ALA A 134 -9.96 19.53 -6.96
CA ALA A 134 -10.83 20.46 -7.70
C ALA A 134 -12.20 20.64 -7.03
N ARG A 135 -12.60 19.65 -6.21
CA ARG A 135 -13.86 19.62 -5.51
C ARG A 135 -14.99 19.44 -6.52
N SER A 136 -14.64 18.87 -7.68
CA SER A 136 -15.64 18.45 -8.67
C SER A 136 -15.93 16.95 -8.57
N GLY A 137 -15.12 16.23 -7.79
CA GLY A 137 -15.22 14.79 -7.73
C GLY A 137 -16.55 14.29 -7.15
N ILE A 138 -16.95 13.10 -7.60
CA ILE A 138 -18.07 12.34 -7.04
C ILE A 138 -17.59 11.51 -5.87
N ARG A 139 -18.41 11.40 -4.84
CA ARG A 139 -18.10 10.62 -3.67
C ARG A 139 -19.14 9.52 -3.52
N MET A 140 -18.80 8.50 -2.72
CA MET A 140 -19.62 7.32 -2.63
C MET A 140 -21.05 7.65 -2.16
N GLY A 141 -21.20 8.59 -1.23
CA GLY A 141 -22.51 8.95 -0.72
C GLY A 141 -23.43 9.50 -1.81
N ASP A 142 -22.87 10.05 -2.87
CA ASP A 142 -23.67 10.60 -3.98
C ASP A 142 -24.51 9.49 -4.62
N LEU A 143 -24.01 8.23 -4.57
CA LEU A 143 -24.70 7.11 -5.19
C LEU A 143 -25.99 6.79 -4.48
N LEU A 144 -26.18 7.30 -3.27
CA LEU A 144 -27.33 6.96 -2.48
C LEU A 144 -28.54 7.76 -2.95
N ASP A 145 -28.34 8.81 -3.77
CA ASP A 145 -29.44 9.66 -4.21
C ASP A 145 -29.36 9.85 -5.72
N ASP A 146 -30.29 9.21 -6.45
CA ASP A 146 -30.31 9.17 -7.91
C ASP A 146 -30.26 10.56 -8.52
N LYS A 147 -30.95 11.52 -7.91
CA LYS A 147 -31.05 12.86 -8.44
C LYS A 147 -29.71 13.58 -8.34
N ILE A 148 -29.05 13.44 -7.18
CA ILE A 148 -27.74 14.04 -6.95
C ILE A 148 -26.71 13.44 -7.90
N LEU A 149 -26.75 12.11 -8.05
CA LEU A 149 -25.79 11.43 -8.91
C LEU A 149 -25.96 11.91 -10.34
N GLU A 150 -27.23 12.02 -10.78
CA GLU A 150 -27.52 12.39 -12.16
C GLU A 150 -26.98 13.79 -12.44
N GLU A 151 -27.12 14.68 -11.45
CA GLU A 151 -26.66 16.05 -11.57
C GLU A 151 -25.15 16.12 -11.66
N LYS A 152 -24.45 15.33 -10.85
CA LYS A 152 -23.00 15.36 -10.84
C LYS A 152 -22.49 14.71 -12.11
N LEU A 153 -23.18 13.70 -12.59
CA LEU A 153 -22.78 13.10 -13.83
C LEU A 153 -22.94 14.10 -14.98
N ASN A 154 -24.03 14.88 -15.00
CA ASN A 154 -24.22 15.85 -16.08
C ASN A 154 -23.14 16.93 -16.01
N ALA A 155 -22.78 17.38 -14.81
CA ALA A 155 -21.70 18.35 -14.73
C ALA A 155 -20.39 17.76 -15.24
N HIS A 156 -20.11 16.49 -14.91
CA HIS A 156 -18.93 15.78 -15.42
C HIS A 156 -18.92 15.73 -16.95
N PHE A 157 -20.04 15.31 -17.55
CA PHE A 157 -20.13 15.22 -19.01
C PHE A 157 -19.86 16.58 -19.64
N LYS A 158 -20.45 17.65 -19.08
CA LYS A 158 -20.19 18.97 -19.59
C LYS A 158 -18.70 19.27 -19.48
N ALA A 159 -18.08 18.95 -18.34
CA ALA A 159 -16.71 19.35 -18.08
C ALA A 159 -15.72 18.59 -18.95
N ILE A 160 -16.02 17.33 -19.30
CA ILE A 160 -15.06 16.50 -20.02
C ILE A 160 -15.16 16.69 -21.53
N GLU A 161 -16.23 17.35 -22.01
CA GLU A 161 -16.45 17.57 -23.43
C GLU A 161 -15.15 17.96 -24.14
N PRO A 162 -14.43 19.03 -23.74
CA PRO A 162 -13.21 19.40 -24.48
C PRO A 162 -12.10 18.36 -24.54
N PHE A 163 -12.28 17.19 -23.90
CA PHE A 163 -11.19 16.24 -23.73
C PHE A 163 -11.51 14.92 -24.44
N LYS A 164 -12.70 14.81 -25.02
CA LYS A 164 -13.15 13.53 -25.55
C LYS A 164 -12.17 13.02 -26.59
N LYS A 165 -11.74 13.90 -27.49
CA LYS A 165 -10.75 13.53 -28.51
C LYS A 165 -9.44 13.16 -27.82
N ALA A 166 -8.84 14.12 -27.09
CA ALA A 166 -7.52 13.98 -26.48
C ALA A 166 -7.38 12.68 -25.69
N TYR A 167 -8.36 12.38 -24.84
CA TYR A 167 -8.26 11.25 -23.93
C TYR A 167 -8.96 10.04 -24.53
N ASP A 168 -9.41 10.18 -25.80
CA ASP A 168 -9.97 9.06 -26.55
C ASP A 168 -11.12 8.41 -25.79
N LEU A 169 -12.13 9.22 -25.39
CA LEU A 169 -13.23 8.74 -24.56
C LEU A 169 -14.30 7.95 -25.34
N GLY A 170 -14.45 8.23 -26.63
CA GLY A 170 -15.40 7.48 -27.44
C GLY A 170 -16.79 8.11 -27.43
N GLU A 171 -17.61 7.63 -28.38
CA GLU A 171 -18.90 8.21 -28.71
C GLU A 171 -19.89 7.97 -27.58
N ASN A 172 -19.77 6.83 -26.91
CA ASN A 172 -20.80 6.35 -26.01
C ASN A 172 -20.41 6.51 -24.53
N TYR A 173 -19.46 7.41 -24.24
CA TYR A 173 -18.96 7.58 -22.89
C TYR A 173 -20.11 7.81 -21.92
N GLU A 174 -20.95 8.77 -22.29
CA GLU A 174 -22.00 9.28 -21.44
C GLU A 174 -23.09 8.24 -21.22
N LYS A 175 -23.55 7.55 -22.27
CA LYS A 175 -24.53 6.48 -22.08
C LYS A 175 -23.91 5.29 -21.35
N ASP A 176 -22.63 5.01 -21.61
CA ASP A 176 -21.97 3.88 -20.97
C ASP A 176 -21.83 4.13 -19.47
N LEU A 177 -21.52 5.38 -19.10
CA LEU A 177 -21.31 5.69 -17.68
C LEU A 177 -22.64 5.69 -16.95
N MET A 178 -23.70 6.17 -17.63
CA MET A 178 -25.03 6.11 -17.06
C MET A 178 -25.37 4.66 -16.74
N GLY A 179 -25.16 3.76 -17.70
CA GLY A 179 -25.45 2.35 -17.48
C GLY A 179 -24.57 1.71 -16.41
N TYR A 180 -23.30 2.12 -16.37
CA TYR A 180 -22.38 1.63 -15.34
C TYR A 180 -23.01 1.79 -13.96
N PHE A 181 -23.50 3.01 -13.66
CA PHE A 181 -24.03 3.28 -12.34
C PHE A 181 -25.35 2.58 -12.14
N LYS A 182 -26.16 2.46 -13.21
CA LYS A 182 -27.38 1.68 -13.13
C LYS A 182 -27.11 0.25 -12.70
N THR A 183 -25.99 -0.31 -13.18
CA THR A 183 -25.57 -1.66 -12.84
C THR A 183 -24.99 -1.72 -11.42
N TYR A 184 -24.01 -0.85 -11.11
CA TYR A 184 -23.17 -1.04 -9.92
C TYR A 184 -23.70 -0.30 -8.70
N ALA A 185 -24.43 0.81 -8.88
CA ALA A 185 -24.90 1.55 -7.72
C ALA A 185 -25.74 0.64 -6.81
N PRO A 186 -26.73 -0.13 -7.32
CA PRO A 186 -27.50 -1.01 -6.43
C PRO A 186 -26.69 -2.06 -5.69
N LYS A 187 -25.60 -2.52 -6.31
CA LYS A 187 -24.71 -3.51 -5.71
C LYS A 187 -23.92 -2.93 -4.53
N ILE A 188 -23.43 -1.69 -4.67
CA ILE A 188 -22.52 -1.14 -3.65
C ILE A 188 -23.26 -0.33 -2.58
N CYS A 189 -24.46 0.25 -2.88
CA CYS A 189 -25.13 1.16 -1.96
C CYS A 189 -25.34 0.57 -0.56
N PRO A 190 -25.66 -0.73 -0.37
CA PRO A 190 -25.89 -1.23 0.98
C PRO A 190 -24.67 -1.13 1.88
N PHE A 191 -23.47 -1.08 1.28
CA PHE A 191 -22.23 -1.02 2.05
C PHE A 191 -21.78 0.40 2.41
N ILE A 192 -22.42 1.42 1.88
CA ILE A 192 -22.01 2.81 2.06
C ILE A 192 -22.47 3.33 3.41
N LYS A 193 -21.53 3.85 4.20
CA LYS A 193 -21.80 4.23 5.57
C LYS A 193 -20.96 5.47 5.95
N ASP A 194 -21.35 6.12 7.04
CA ASP A 194 -20.50 7.13 7.66
C ASP A 194 -19.47 6.43 8.54
N THR A 195 -18.34 6.09 7.93
CA THR A 195 -17.29 5.38 8.62
C THR A 195 -16.52 6.28 9.57
N THR A 196 -16.60 7.60 9.37
CA THR A 196 -15.93 8.54 10.27
C THR A 196 -16.58 8.46 11.64
N SER A 197 -17.91 8.59 11.66
CA SER A 197 -18.66 8.38 12.89
C SER A 197 -18.35 7.02 13.48
N MET A 198 -18.33 6.00 12.64
CA MET A 198 -18.15 4.64 13.15
C MET A 198 -16.83 4.52 13.88
N LEU A 199 -15.75 5.09 13.31
CA LEU A 199 -14.44 4.93 13.94
C LEU A 199 -14.23 5.87 15.13
N ILE A 200 -14.84 7.06 15.11
CA ILE A 200 -14.79 7.95 16.26
C ILE A 200 -15.36 7.18 17.45
N GLU A 201 -16.52 6.54 17.23
CA GLU A 201 -17.21 5.82 18.29
C GLU A 201 -16.38 4.65 18.81
N ALA A 202 -15.84 3.85 17.87
CA ALA A 202 -15.06 2.69 18.20
C ALA A 202 -13.87 3.10 19.06
N ASN A 203 -13.21 4.18 18.65
CA ASN A 203 -12.07 4.68 19.40
C ASN A 203 -12.51 5.12 20.81
N GLN A 204 -13.64 5.82 20.89
CA GLN A 204 -14.16 6.29 22.18
C GLN A 204 -14.47 5.10 23.10
N LYS A 205 -14.97 4.01 22.54
CA LYS A 205 -15.36 2.83 23.27
C LYS A 205 -14.18 1.90 23.55
N GLY A 206 -12.98 2.26 23.07
CA GLY A 206 -11.78 1.46 23.23
C GLY A 206 -11.79 0.15 22.45
N GLU A 207 -12.53 0.07 21.34
CA GLU A 207 -12.49 -1.08 20.46
C GLU A 207 -11.18 -1.06 19.69
N LYS A 208 -10.78 -2.21 19.17
CA LYS A 208 -9.44 -2.39 18.62
C LYS A 208 -9.46 -2.13 17.12
N ILE A 209 -8.58 -1.21 16.67
CA ILE A 209 -8.61 -0.73 15.30
C ILE A 209 -7.22 -0.93 14.73
N LEU A 210 -7.18 -1.57 13.57
CA LEU A 210 -5.97 -1.76 12.79
C LEU A 210 -6.11 -1.00 11.49
N LEU A 211 -5.11 -0.19 11.18
CA LEU A 211 -5.12 0.69 10.02
C LEU A 211 -4.09 0.12 9.04
N GLU A 212 -4.56 -0.18 7.82
CA GLU A 212 -3.82 -0.90 6.82
C GLU A 212 -3.37 0.06 5.75
N GLY A 213 -2.04 0.35 5.73
CA GLY A 213 -1.50 1.24 4.72
C GLY A 213 -1.44 0.52 3.37
N ALA A 214 -1.47 1.29 2.31
CA ALA A 214 -1.15 0.82 0.97
C ALA A 214 0.07 1.58 0.43
N GLN A 215 0.53 1.13 -0.74
CA GLN A 215 1.78 1.63 -1.30
C GLN A 215 2.85 1.58 -0.25
N GLY A 216 3.65 2.65 -0.13
CA GLY A 216 4.62 2.67 0.95
C GLY A 216 5.13 4.09 1.18
N THR A 217 5.95 4.27 2.20
CA THR A 217 6.33 5.60 2.64
C THR A 217 7.08 6.35 1.54
N LEU A 218 7.93 5.70 0.76
CA LEU A 218 8.75 6.43 -0.21
C LEU A 218 7.94 6.78 -1.47
N LEU A 219 6.66 6.35 -1.50
CA LEU A 219 5.68 6.73 -2.51
C LEU A 219 4.76 7.85 -2.03
N ASP A 220 4.97 8.38 -0.83
CA ASP A 220 4.12 9.46 -0.33
C ASP A 220 4.18 10.70 -1.23
N ILE A 221 3.01 11.30 -1.54
CA ILE A 221 2.91 12.42 -2.45
C ILE A 221 3.76 13.59 -1.96
N ASP A 222 3.82 13.84 -0.63
CA ASP A 222 4.61 14.97 -0.11
C ASP A 222 6.07 14.63 0.11
N LEU A 223 6.34 13.50 0.79
CA LEU A 223 7.66 13.21 1.33
C LEU A 223 8.43 12.10 0.61
N GLY A 224 7.79 11.45 -0.37
CA GLY A 224 8.43 10.38 -1.13
C GLY A 224 9.26 10.93 -2.31
N THR A 225 9.67 10.04 -3.21
CA THR A 225 10.59 10.44 -4.27
C THR A 225 9.86 11.15 -5.40
N TYR A 226 9.23 12.32 -5.11
CA TYR A 226 8.43 13.01 -6.10
C TYR A 226 9.23 13.31 -7.36
N PRO A 227 8.66 13.26 -8.61
CA PRO A 227 7.28 12.87 -8.91
C PRO A 227 6.95 11.40 -9.04
N PHE A 228 7.92 10.55 -8.68
CA PHE A 228 7.79 9.09 -8.74
C PHE A 228 7.20 8.58 -7.41
N VAL A 229 5.93 8.93 -7.25
CA VAL A 229 5.12 8.70 -6.06
C VAL A 229 3.68 8.42 -6.48
N THR A 230 2.86 7.95 -5.53
CA THR A 230 1.42 7.96 -5.69
C THR A 230 0.86 9.29 -5.18
N SER A 231 -0.41 9.51 -5.46
CA SER A 231 -1.02 10.81 -5.26
C SER A 231 -1.72 10.86 -3.91
N SER A 232 -1.36 9.96 -3.00
CA SER A 232 -1.94 10.01 -1.66
C SER A 232 -0.82 9.99 -0.65
N ASN A 233 -1.18 10.36 0.59
CA ASN A 233 -0.24 10.31 1.71
C ASN A 233 -0.27 8.89 2.25
N THR A 234 0.92 8.27 2.45
CA THR A 234 0.98 6.86 2.75
C THR A 234 1.43 6.58 4.17
N THR A 235 1.79 7.60 4.93
CA THR A 235 2.35 7.27 6.22
C THR A 235 1.31 7.15 7.32
N SER A 236 1.78 6.73 8.49
CA SER A 236 0.93 6.55 9.64
C SER A 236 0.10 7.80 9.91
N ALA A 237 0.62 8.99 9.67
CA ALA A 237 -0.18 10.18 9.96
C ALA A 237 -1.41 10.25 9.05
N SER A 238 -1.28 9.76 7.81
CA SER A 238 -2.39 9.79 6.92
C SER A 238 -3.58 8.97 7.43
N ALA A 239 -3.25 7.91 8.17
CA ALA A 239 -4.27 7.05 8.75
C ALA A 239 -5.16 7.83 9.73
N CYS A 240 -4.59 8.86 10.38
CA CYS A 240 -5.31 9.67 11.35
C CYS A 240 -5.68 11.04 10.76
N VAL A 241 -5.64 11.24 9.38
CA VAL A 241 -6.48 12.13 8.52
C VAL A 241 -7.68 11.41 7.84
N SER A 242 -7.51 10.23 7.30
CA SER A 242 -8.56 9.69 6.45
C SER A 242 -9.81 9.44 7.33
N THR A 243 -9.60 9.10 8.62
CA THR A 243 -10.41 8.09 9.26
C THR A 243 -11.39 8.71 10.21
N GLY A 244 -11.02 9.83 10.80
CA GLY A 244 -11.71 10.31 11.99
C GLY A 244 -10.91 10.11 13.27
N LEU A 245 -9.84 9.33 13.22
CA LEU A 245 -9.02 9.15 14.41
C LEU A 245 -8.01 10.29 14.48
N ASN A 246 -7.60 10.63 15.66
CA ASN A 246 -6.66 11.73 15.82
C ASN A 246 -5.28 11.14 16.07
N PRO A 247 -4.21 11.96 15.98
CA PRO A 247 -2.87 11.41 16.15
C PRO A 247 -2.60 10.82 17.53
N LYS A 248 -3.30 11.32 18.56
CA LYS A 248 -3.11 10.81 19.91
C LYS A 248 -3.65 9.38 20.06
N ALA A 249 -4.51 8.94 19.15
CA ALA A 249 -5.05 7.56 19.19
C ALA A 249 -4.07 6.49 18.71
N ILE A 250 -2.97 6.89 18.05
CA ILE A 250 -2.05 5.92 17.45
C ILE A 250 -1.15 5.32 18.52
N ASN A 251 -1.12 3.98 18.54
CA ASN A 251 -0.39 3.22 19.54
C ASN A 251 0.79 2.54 18.83
N GLU A 252 0.62 1.31 18.36
CA GLU A 252 1.72 0.67 17.65
C GLU A 252 1.75 1.08 16.18
N VAL A 253 2.96 1.26 15.67
CA VAL A 253 3.20 1.52 14.27
C VAL A 253 4.17 0.45 13.80
N ILE A 254 3.65 -0.51 13.01
CA ILE A 254 4.44 -1.60 12.51
C ILE A 254 4.93 -1.31 11.09
N GLY A 255 6.24 -1.08 10.96
CA GLY A 255 6.86 -0.79 9.68
C GLY A 255 7.20 -2.10 8.95
N ILE A 256 6.59 -2.29 7.78
CA ILE A 256 6.75 -3.50 6.99
C ILE A 256 7.87 -3.26 6.01
N THR A 257 8.95 -4.04 6.21
CA THR A 257 10.12 -3.86 5.36
CA THR A 257 10.26 -3.90 5.60
C THR A 257 10.58 -5.21 4.85
N LYS A 258 10.70 -5.21 3.54
CA LYS A 258 11.27 -6.37 2.88
C LYS A 258 12.75 -6.46 3.24
N ALA A 259 13.32 -7.68 3.19
CA ALA A 259 14.72 -7.91 3.52
C ALA A 259 15.65 -7.44 2.40
N TYR A 260 15.05 -7.13 1.23
CA TYR A 260 15.71 -6.47 0.11
C TYR A 260 14.73 -5.40 -0.38
N SER A 261 15.08 -4.59 -1.40
CA SER A 261 14.18 -3.52 -1.86
C SER A 261 13.66 -3.78 -3.28
N THR A 262 12.45 -3.30 -3.55
CA THR A 262 11.96 -3.17 -4.93
C THR A 262 11.33 -1.80 -5.19
N ARG A 263 11.31 -1.44 -6.47
CA ARG A 263 10.40 -0.42 -6.99
C ARG A 263 9.76 -0.99 -8.23
N VAL A 264 8.52 -0.59 -8.48
CA VAL A 264 7.90 -0.86 -9.76
C VAL A 264 7.46 0.49 -10.30
N GLY A 265 7.78 0.72 -11.58
CA GLY A 265 7.72 2.07 -12.13
C GLY A 265 9.06 2.76 -12.09
N ASN A 266 9.07 3.98 -12.63
CA ASN A 266 10.28 4.77 -12.76
C ASN A 266 10.61 5.46 -11.43
N GLY A 267 11.81 6.05 -11.40
CA GLY A 267 12.27 6.95 -10.35
C GLY A 267 13.52 6.47 -9.64
N PRO A 268 14.07 7.34 -8.76
CA PRO A 268 15.37 7.07 -8.13
C PRO A 268 15.31 5.85 -7.23
N PHE A 269 16.42 5.12 -7.17
CA PHE A 269 16.51 3.89 -6.39
C PHE A 269 17.96 3.64 -6.03
N PRO A 270 18.45 4.30 -4.98
CA PRO A 270 19.87 4.24 -4.71
C PRO A 270 20.50 2.85 -4.61
N SER A 271 19.80 1.90 -4.01
CA SER A 271 20.35 0.59 -3.76
C SER A 271 19.97 -0.41 -4.85
N GLU A 272 19.47 0.03 -6.01
CA GLU A 272 19.15 -0.85 -7.13
C GLU A 272 20.45 -1.56 -7.54
N ASP A 273 20.38 -2.86 -7.80
CA ASP A 273 21.58 -3.61 -8.16
C ASP A 273 21.32 -4.35 -9.48
N THR A 274 21.84 -3.79 -10.59
CA THR A 274 21.64 -4.35 -11.92
C THR A 274 22.85 -5.22 -12.30
N THR A 275 23.72 -5.50 -11.34
CA THR A 275 24.88 -6.38 -11.54
C THR A 275 24.47 -7.82 -11.29
N PRO A 276 25.34 -8.81 -11.62
CA PRO A 276 25.02 -10.21 -11.32
C PRO A 276 24.69 -10.49 -9.86
N MET A 277 25.17 -9.66 -8.93
CA MET A 277 24.88 -9.87 -7.51
C MET A 277 23.38 -9.72 -7.25
N GLY A 278 22.70 -8.90 -8.05
CA GLY A 278 21.28 -8.69 -7.95
C GLY A 278 20.43 -9.75 -8.65
N ASP A 279 21.06 -10.65 -9.44
CA ASP A 279 20.26 -11.51 -10.31
C ASP A 279 19.41 -12.47 -9.51
N HIS A 280 19.90 -12.94 -8.34
CA HIS A 280 19.14 -13.82 -7.47
C HIS A 280 17.84 -13.13 -7.07
N LEU A 281 17.93 -11.85 -6.76
CA LEU A 281 16.77 -11.09 -6.34
C LEU A 281 15.73 -11.05 -7.45
N ARG A 282 16.19 -10.88 -8.68
CA ARG A 282 15.29 -10.85 -9.82
C ARG A 282 14.62 -12.20 -10.02
N THR A 283 15.42 -13.28 -10.02
CA THR A 283 14.87 -14.63 -10.17
C THR A 283 13.75 -14.89 -9.18
N LYS A 284 13.95 -14.57 -7.89
CA LYS A 284 13.00 -14.95 -6.85
C LYS A 284 12.13 -13.80 -6.34
N GLY A 285 12.44 -12.54 -6.66
CA GLY A 285 11.75 -11.37 -6.09
C GLY A 285 11.17 -10.34 -7.09
N ALA A 286 11.44 -10.45 -8.40
CA ALA A 286 10.89 -9.49 -9.37
C ALA A 286 9.38 -9.69 -9.53
N GLU A 287 8.88 -10.93 -9.32
CA GLU A 287 7.53 -11.37 -9.67
C GLU A 287 6.74 -11.84 -8.42
N LYS A 293 0.76 -7.65 -14.20
CA LYS A 293 1.98 -7.89 -13.37
C LYS A 293 3.18 -7.27 -14.08
N ARG A 294 3.68 -6.16 -13.56
CA ARG A 294 4.91 -5.57 -14.03
C ARG A 294 6.05 -6.07 -13.16
N PRO A 295 7.19 -6.50 -13.73
CA PRO A 295 8.29 -6.99 -12.90
C PRO A 295 8.90 -5.83 -12.10
N ARG A 296 9.30 -6.14 -10.86
CA ARG A 296 9.89 -5.13 -10.01
C ARG A 296 11.40 -4.99 -10.29
N ARG A 297 11.88 -3.76 -10.22
CA ARG A 297 13.29 -3.43 -10.09
C ARG A 297 13.77 -3.91 -8.72
N CYS A 298 14.97 -4.52 -8.67
CA CYS A 298 15.43 -5.15 -7.45
C CYS A 298 16.72 -4.50 -6.96
N GLY A 299 16.88 -4.48 -5.64
CA GLY A 299 18.09 -3.98 -5.05
C GLY A 299 18.07 -4.33 -3.56
N TRP A 300 19.02 -3.72 -2.84
CA TRP A 300 19.33 -4.10 -1.47
C TRP A 300 18.53 -3.26 -0.45
N LEU A 301 18.50 -3.74 0.80
CA LEU A 301 17.96 -2.94 1.88
C LEU A 301 18.77 -1.65 2.01
N ASP A 302 18.08 -0.52 2.21
CA ASP A 302 18.67 0.81 2.26
C ASP A 302 18.30 1.42 3.63
N LEU A 303 19.27 1.40 4.56
CA LEU A 303 19.05 1.84 5.93
C LEU A 303 18.90 3.36 5.99
N VAL A 304 19.47 4.10 5.03
CA VAL A 304 19.31 5.54 4.99
C VAL A 304 17.82 5.86 4.81
N ALA A 305 17.24 5.26 3.78
CA ALA A 305 15.82 5.41 3.47
C ALA A 305 14.97 4.80 4.59
N LEU A 306 15.40 3.67 5.15
CA LEU A 306 14.60 3.07 6.20
C LEU A 306 14.49 3.96 7.44
N LYS A 307 15.63 4.53 7.85
CA LYS A 307 15.63 5.42 9.00
C LYS A 307 14.71 6.62 8.78
N TYR A 308 14.75 7.18 7.56
CA TYR A 308 13.87 8.26 7.18
C TYR A 308 12.40 7.84 7.34
N ALA A 309 12.05 6.68 6.77
CA ALA A 309 10.66 6.25 6.82
C ALA A 309 10.24 5.94 8.26
N CYS A 310 11.12 5.36 9.08
CA CYS A 310 10.79 5.09 10.47
C CYS A 310 10.47 6.41 11.20
N ALA A 311 11.26 7.44 10.95
CA ALA A 311 11.01 8.75 11.58
C ALA A 311 9.64 9.35 11.17
N LEU A 312 9.32 9.22 9.88
CA LEU A 312 8.10 9.77 9.33
C LEU A 312 6.92 9.03 9.98
N ASN A 313 7.06 7.74 10.28
CA ASN A 313 5.90 6.96 10.69
C ASN A 313 5.78 6.81 12.21
N GLY A 314 6.92 6.96 12.90
CA GLY A 314 7.07 6.68 14.32
C GLY A 314 6.97 5.20 14.59
N CYS A 315 7.61 4.39 13.73
CA CYS A 315 7.55 2.95 13.93
C CYS A 315 7.98 2.52 15.33
N THR A 316 7.20 1.64 15.95
CA THR A 316 7.47 1.07 17.27
C THR A 316 8.01 -0.34 17.12
N GLN A 317 7.74 -0.92 15.95
CA GLN A 317 8.23 -2.24 15.60
C GLN A 317 8.38 -2.37 14.09
N LEU A 318 9.25 -3.31 13.68
CA LEU A 318 9.41 -3.69 12.28
C LEU A 318 8.99 -5.13 12.06
N ALA A 319 8.45 -5.37 10.86
CA ALA A 319 8.30 -6.72 10.33
C ALA A 319 9.28 -6.91 9.19
N LEU A 320 10.14 -7.95 9.26
CA LEU A 320 11.11 -8.19 8.21
C LEU A 320 10.60 -9.33 7.34
N MET A 321 10.41 -9.04 6.05
CA MET A 321 9.57 -9.82 5.15
C MET A 321 10.42 -10.49 4.08
N LYS A 322 9.97 -11.66 3.62
CA LYS A 322 10.43 -12.34 2.41
C LYS A 322 11.86 -12.82 2.53
N LEU A 323 12.22 -13.32 3.71
CA LEU A 323 13.55 -13.85 3.95
C LEU A 323 13.81 -15.03 3.00
N ASP A 324 12.74 -15.75 2.64
CA ASP A 324 12.86 -16.95 1.83
C ASP A 324 13.38 -16.63 0.44
N VAL A 325 13.14 -15.38 -0.04
CA VAL A 325 13.61 -14.97 -1.34
C VAL A 325 15.14 -15.00 -1.31
N LEU A 326 15.73 -14.77 -0.13
CA LEU A 326 17.17 -14.67 -0.09
C LEU A 326 17.83 -16.04 0.06
N ASP A 327 17.04 -17.11 0.20
CA ASP A 327 17.62 -18.43 0.42
C ASP A 327 18.47 -18.79 -0.78
N GLY A 328 19.68 -19.28 -0.52
CA GLY A 328 20.57 -19.67 -1.59
C GLY A 328 21.50 -18.58 -2.07
N ILE A 329 21.27 -17.30 -1.75
CA ILE A 329 22.15 -16.25 -2.21
C ILE A 329 23.48 -16.38 -1.45
N ASP A 330 24.57 -16.07 -2.14
CA ASP A 330 25.93 -16.17 -1.60
C ASP A 330 26.16 -15.07 -0.57
N ALA A 331 25.70 -13.87 -0.92
CA ALA A 331 26.01 -12.70 -0.13
C ALA A 331 24.90 -11.66 -0.31
N ILE A 332 24.68 -10.92 0.76
CA ILE A 332 23.66 -9.89 0.84
C ILE A 332 24.35 -8.57 1.10
N LYS A 333 23.98 -7.53 0.36
CA LYS A 333 24.53 -6.22 0.65
C LYS A 333 23.45 -5.39 1.37
N VAL A 334 23.90 -4.45 2.20
CA VAL A 334 23.02 -3.48 2.82
C VAL A 334 23.62 -2.11 2.57
N CYS A 335 22.80 -1.20 2.04
CA CYS A 335 23.22 0.18 1.88
C CYS A 335 23.17 0.91 3.22
N VAL A 336 24.33 1.30 3.76
CA VAL A 336 24.40 1.85 5.11
C VAL A 336 24.53 3.37 5.07
N ALA A 337 24.86 3.93 3.90
CA ALA A 337 25.03 5.34 3.74
C ALA A 337 25.04 5.67 2.26
N TYR A 338 25.06 6.97 1.93
CA TYR A 338 25.28 7.43 0.58
C TYR A 338 26.59 8.21 0.44
N GLU A 339 27.25 8.01 -0.70
CA GLU A 339 28.35 8.86 -1.13
C GLU A 339 27.80 9.84 -2.16
N ARG A 340 27.97 11.14 -1.93
CA ARG A 340 27.64 12.11 -2.96
C ARG A 340 28.83 13.05 -3.22
N LYS A 341 29.51 12.86 -4.36
CA LYS A 341 30.67 13.65 -4.75
C LYS A 341 31.63 13.82 -3.57
N GLY A 342 32.03 12.70 -2.96
CA GLY A 342 33.04 12.70 -1.93
C GLY A 342 32.51 12.91 -0.51
N GLU A 343 31.22 13.24 -0.34
CA GLU A 343 30.64 13.42 0.97
C GLU A 343 29.88 12.16 1.41
N ARG A 344 30.08 11.69 2.64
CA ARG A 344 29.29 10.60 3.17
C ARG A 344 28.01 11.19 3.78
N LEU A 345 26.85 10.74 3.29
CA LEU A 345 25.56 11.17 3.82
C LEU A 345 24.98 10.03 4.67
N GLU A 346 24.53 10.38 5.87
CA GLU A 346 23.93 9.42 6.78
C GLU A 346 22.41 9.61 6.84
N ILE A 347 21.95 10.71 6.26
CA ILE A 347 20.55 11.12 6.36
C ILE A 347 20.00 11.22 4.94
N PHE A 348 18.76 10.77 4.76
CA PHE A 348 18.12 10.73 3.46
C PHE A 348 17.86 12.14 2.97
N PRO A 349 18.43 12.54 1.83
CA PRO A 349 18.23 13.90 1.32
C PRO A 349 17.00 14.01 0.44
N SER A 350 16.62 15.24 0.16
CA SER A 350 15.40 15.52 -0.57
C SER A 350 15.59 15.37 -2.07
N ASP A 351 16.85 15.24 -2.49
CA ASP A 351 17.16 15.00 -3.89
C ASP A 351 18.23 13.91 -3.92
N LEU A 352 17.98 12.81 -4.64
CA LEU A 352 18.88 11.66 -4.62
C LEU A 352 19.90 11.69 -5.77
N LYS A 353 19.89 12.76 -6.57
CA LYS A 353 20.92 13.03 -7.56
C LYS A 353 22.33 12.75 -7.02
N ASP A 354 23.07 11.91 -7.75
CA ASP A 354 24.48 11.69 -7.43
C ASP A 354 24.66 10.91 -6.12
N CYS A 355 23.58 10.38 -5.52
CA CYS A 355 23.77 9.58 -4.34
C CYS A 355 24.11 8.15 -4.69
N VAL A 356 25.32 7.70 -4.32
CA VAL A 356 25.75 6.35 -4.66
C VAL A 356 25.73 5.53 -3.40
N PRO A 357 25.25 4.27 -3.42
CA PRO A 357 25.17 3.51 -2.17
C PRO A 357 26.55 3.13 -1.68
N ILE A 358 26.74 3.19 -0.35
CA ILE A 358 27.84 2.58 0.39
C ILE A 358 27.30 1.33 1.08
N TYR A 359 27.98 0.20 0.84
CA TYR A 359 27.44 -1.10 1.20
C TYR A 359 28.29 -1.74 2.26
N GLN A 360 27.60 -2.50 3.13
CA GLN A 360 28.21 -3.53 3.92
C GLN A 360 27.71 -4.89 3.42
N THR A 361 28.59 -5.90 3.40
CA THR A 361 28.24 -7.19 2.88
C THR A 361 28.07 -8.19 4.02
N PHE A 362 27.07 -9.05 3.87
CA PHE A 362 26.69 -10.05 4.86
C PHE A 362 26.68 -11.41 4.18
N LYS A 363 26.99 -12.47 4.95
CA LYS A 363 26.84 -13.83 4.46
C LYS A 363 25.38 -14.17 4.27
N GLY A 364 25.10 -14.90 3.20
CA GLY A 364 23.78 -15.43 2.91
C GLY A 364 23.44 -16.66 3.74
N TRP A 365 22.23 -17.15 3.51
CA TRP A 365 21.71 -18.32 4.18
C TRP A 365 21.03 -19.19 3.10
N GLU A 366 20.64 -20.41 3.49
CA GLU A 366 20.25 -21.46 2.57
C GLU A 366 18.81 -21.90 2.73
N LYS A 367 18.22 -21.77 3.93
CA LYS A 367 16.98 -22.47 4.20
C LYS A 367 16.15 -21.79 5.28
N SER A 368 15.94 -20.47 5.16
CA SER A 368 14.95 -19.83 6.01
C SER A 368 13.52 -20.26 5.68
N VAL A 369 13.25 -20.73 4.45
CA VAL A 369 11.87 -20.92 3.99
C VAL A 369 11.07 -21.72 5.00
N GLY A 370 9.94 -21.16 5.44
CA GLY A 370 8.96 -21.93 6.21
C GLY A 370 9.34 -22.15 7.68
N VAL A 371 10.41 -21.54 8.13
CA VAL A 371 10.78 -21.64 9.53
C VAL A 371 9.82 -20.79 10.36
N ARG A 372 9.42 -21.37 11.49
CA ARG A 372 8.41 -20.84 12.38
C ARG A 372 8.95 -20.52 13.78
N LYS A 373 10.24 -20.79 14.03
CA LYS A 373 10.82 -20.49 15.34
C LYS A 373 12.18 -19.85 15.17
N LEU A 374 12.42 -18.81 15.98
CA LEU A 374 13.71 -18.15 16.02
C LEU A 374 14.83 -19.18 16.17
N ASP A 375 14.57 -20.20 16.99
CA ASP A 375 15.57 -21.22 17.26
C ASP A 375 16.02 -21.97 16.02
N ASP A 376 15.12 -22.12 15.03
CA ASP A 376 15.31 -22.95 13.87
C ASP A 376 15.97 -22.17 12.73
N LEU A 377 16.18 -20.87 12.93
CA LEU A 377 16.81 -20.04 11.91
C LEU A 377 18.31 -20.27 11.91
N GLU A 378 18.89 -20.15 10.74
CA GLU A 378 20.34 -20.15 10.60
C GLU A 378 20.94 -18.94 11.28
N PRO A 379 22.14 -19.09 11.89
CA PRO A 379 22.82 -17.94 12.45
C PRO A 379 22.91 -16.71 11.54
N ASN A 380 23.17 -16.91 10.24
CA ASN A 380 23.39 -15.78 9.35
C ASN A 380 22.10 -14.95 9.23
N VAL A 381 20.94 -15.58 9.35
CA VAL A 381 19.64 -14.88 9.39
C VAL A 381 19.56 -14.01 10.64
N ARG A 382 19.81 -14.60 11.80
CA ARG A 382 19.73 -13.83 13.04
C ARG A 382 20.74 -12.69 13.07
N GLU A 383 21.94 -12.88 12.48
CA GLU A 383 22.97 -11.85 12.45
C GLU A 383 22.50 -10.65 11.61
N TYR A 384 21.86 -10.95 10.48
CA TYR A 384 21.29 -9.91 9.64
C TYR A 384 20.21 -9.12 10.38
N ILE A 385 19.23 -9.81 10.97
CA ILE A 385 18.18 -9.17 11.76
C ILE A 385 18.80 -8.26 12.82
N ARG A 386 19.81 -8.77 13.54
CA ARG A 386 20.37 -7.99 14.64
C ARG A 386 20.97 -6.69 14.09
N PHE A 387 21.63 -6.77 12.95
CA PHE A 387 22.32 -5.62 12.40
C PHE A 387 21.28 -4.56 12.04
N ILE A 388 20.21 -5.01 11.37
CA ILE A 388 19.20 -4.06 10.89
C ILE A 388 18.58 -3.33 12.07
N GLU A 389 18.16 -4.08 13.10
CA GLU A 389 17.43 -3.44 14.17
C GLU A 389 18.36 -2.54 14.99
N LYS A 390 19.63 -2.89 15.14
CA LYS A 390 20.57 -2.01 15.80
C LYS A 390 20.83 -0.71 15.02
N GLU A 391 21.07 -0.82 13.72
CA GLU A 391 21.34 0.37 12.91
C GLU A 391 20.12 1.29 12.88
N VAL A 392 18.92 0.70 12.83
CA VAL A 392 17.73 1.53 12.64
C VAL A 392 17.16 1.97 13.99
N GLY A 393 17.38 1.18 15.02
CA GLY A 393 16.95 1.52 16.37
C GLY A 393 15.48 1.19 16.60
N VAL A 394 14.94 0.25 15.82
CA VAL A 394 13.56 -0.21 15.99
C VAL A 394 13.62 -1.74 16.03
N LYS A 395 13.01 -2.36 17.02
CA LYS A 395 13.06 -3.81 17.16
C LYS A 395 12.28 -4.48 16.03
N ILE A 396 12.87 -5.54 15.46
CA ILE A 396 12.18 -6.43 14.55
C ILE A 396 11.36 -7.39 15.39
N ARG A 397 10.02 -7.30 15.30
CA ARG A 397 9.15 -8.09 16.14
C ARG A 397 8.45 -9.22 15.37
N LEU A 398 8.48 -9.16 14.05
CA LEU A 398 7.85 -10.13 13.18
C LEU A 398 8.84 -10.44 12.07
N ILE A 399 8.96 -11.74 11.73
CA ILE A 399 9.82 -12.24 10.68
C ILE A 399 9.00 -13.17 9.82
N SER A 400 8.91 -12.87 8.52
CA SER A 400 8.17 -13.72 7.59
C SER A 400 9.11 -14.56 6.75
N THR A 401 8.83 -15.87 6.73
CA THR A 401 9.73 -16.82 6.05
C THR A 401 9.06 -17.55 4.90
N SER A 402 7.87 -17.09 4.48
CA SER A 402 7.28 -17.50 3.22
C SER A 402 5.98 -16.71 3.09
N PRO A 403 5.26 -16.79 1.95
CA PRO A 403 3.96 -16.11 1.80
C PRO A 403 2.87 -16.54 2.75
N GLU A 404 3.00 -17.76 3.29
CA GLU A 404 2.00 -18.38 4.13
C GLU A 404 1.82 -17.61 5.44
N ARG A 405 0.56 -17.29 5.72
CA ARG A 405 0.16 -16.66 6.96
C ARG A 405 0.95 -17.18 8.16
N GLU A 406 0.99 -18.50 8.33
CA GLU A 406 1.53 -19.06 9.54
C GLU A 406 3.06 -19.16 9.54
N ASP A 407 3.74 -18.82 8.43
CA ASP A 407 5.21 -18.87 8.39
C ASP A 407 5.75 -17.53 8.88
N THR A 408 5.40 -17.24 10.13
CA THR A 408 5.66 -15.94 10.72
C THR A 408 6.17 -16.17 12.14
N ILE A 409 7.30 -15.56 12.48
CA ILE A 409 7.86 -15.65 13.81
C ILE A 409 7.57 -14.36 14.55
N PHE A 410 7.08 -14.48 15.78
CA PHE A 410 6.85 -13.32 16.62
C PHE A 410 7.91 -13.23 17.71
N LEU A 411 8.48 -12.04 17.88
CA LEU A 411 9.25 -11.66 19.08
C LEU A 411 8.58 -10.47 19.78
P IMP B . -0.33 5.26 -9.11
O1P IMP B . -1.07 4.29 -10.02
O2P IMP B . -0.57 5.01 -7.62
O3P IMP B . -0.52 6.71 -9.51
O5' IMP B . 1.23 4.86 -9.36
C5' IMP B . 2.27 5.79 -8.88
C4' IMP B . 3.50 5.04 -8.40
O4' IMP B . 3.18 4.20 -7.25
C3' IMP B . 4.17 4.09 -9.39
O3' IMP B . 5.57 4.04 -9.20
C2' IMP B . 3.46 2.77 -9.12
O2' IMP B . 4.14 1.66 -9.70
C1' IMP B . 3.45 2.86 -7.59
N9 IMP B . 2.47 2.02 -6.93
C8 IMP B . 1.13 2.21 -6.73
N7 IMP B . 0.57 1.25 -6.03
C5 IMP B . 1.62 0.36 -5.79
C6 IMP B . 1.64 -0.88 -5.08
O6 IMP B . 0.72 -1.46 -4.50
N1 IMP B . 2.93 -1.44 -5.13
C2 IMP B . 4.02 -0.85 -5.68
N3 IMP B . 4.02 0.30 -6.32
C4 IMP B . 2.79 0.84 -6.32
H5'1 IMP B . 1.91 6.33 -8.13
H5'2 IMP B . 2.52 6.40 -9.61
H4' IMP B . 4.16 5.71 -8.11
H3' IMP B . 3.96 4.40 -10.31
HO3' IMP B . 5.78 3.25 -8.95
H2' IMP B . 2.53 2.81 -9.46
HO2' IMP B . 4.48 1.18 -9.09
H1' IMP B . 4.35 2.62 -7.26
H8 IMP B . 0.67 2.97 -7.03
HN1 IMP B . 3.05 -2.18 -4.70
H2 IMP B . 4.84 -1.31 -5.61
N1 PLP C . 4.21 -7.86 -5.34
C2 PLP C . 5.45 -8.28 -5.11
C2A PLP C . 6.41 -8.37 -6.24
C3 PLP C . 5.81 -8.66 -3.83
O3 PLP C . 7.06 -9.08 -3.51
C4 PLP C . 4.87 -8.59 -2.76
C4A PLP C . 5.28 -8.99 -1.42
C5 PLP C . 3.58 -8.15 -3.04
C6 PLP C . 3.30 -7.80 -4.33
C5A PLP C . 2.54 -8.02 -1.95
O4P PLP C . 2.90 -7.00 -0.93
P PLP C . 1.87 -6.00 -0.19
O1P PLP C . 0.97 -6.97 0.52
O2P PLP C . 2.66 -5.03 0.67
O3P PLP C . 1.15 -5.24 -1.33
H2A1 PLP C . 7.25 -8.74 -5.93
H2A2 PLP C . 6.56 -7.48 -6.60
H2A3 PLP C . 6.04 -8.93 -6.94
HO3 PLP C . 7.24 -9.30 -2.69
H4A PLP C . 4.63 -9.02 -0.73
H6 PLP C . 2.44 -7.49 -4.53
H5A1 PLP C . 2.44 -8.89 -1.50
H5A2 PLP C . 1.68 -7.79 -2.34
S SO4 D . 1.20 -3.88 -11.03
O1 SO4 D . 1.53 -5.21 -10.54
O2 SO4 D . -0.23 -3.77 -11.18
O3 SO4 D . 1.64 -2.84 -10.13
O4 SO4 D . 1.84 -3.68 -12.31
C1 GOL E . -15.84 16.53 -13.79
O1 GOL E . -16.12 17.85 -13.32
C2 GOL E . -14.35 16.31 -13.95
O2 GOL E . -14.12 14.99 -14.46
C3 GOL E . -13.68 17.32 -14.85
O3 GOL E . -12.35 16.92 -15.20
H11 GOL E . -16.29 16.40 -14.65
H12 GOL E . -16.20 15.88 -13.14
HO1 GOL E . -16.98 17.91 -13.25
H2 GOL E . -13.93 16.38 -13.06
HO2 GOL E . -13.65 15.05 -15.14
H31 GOL E . -13.64 18.19 -14.40
H32 GOL E . -14.21 17.42 -15.69
HO3 GOL E . -12.10 16.30 -14.68
#